data_5YEL
#
_entry.id   5YEL
#
_cell.length_a   190.993
_cell.length_b   69.631
_cell.length_c   84.445
_cell.angle_alpha   90.00
_cell.angle_beta   116.25
_cell.angle_gamma   90.00
#
_symmetry.space_group_name_H-M   'C 1 2 1'
#
loop_
_entity.id
_entity.type
_entity.pdbx_description
1 polymer 'DNA (26-MER)'
2 polymer 'Transcriptional repressor CTCF'
3 polymer 'DNA (26-MER)'
4 non-polymer 'ZINC ION'
#
loop_
_entity_poly.entity_id
_entity_poly.type
_entity_poly.pdbx_seq_one_letter_code
_entity_poly.pdbx_strand_id
1 'polydeoxyribonucleotide'
;(DA)(DT)(DT)(DG)(DC)(DA)(DG)(DT)(DA)(DC)(DC)(DA)(DC)(DA)(DT)(DT)(DT)(DA)(DA)(DC)
(DC)(DA)(DG)(DC)(DA)(DG)
;
D,F
2 'polypeptide(L)'
;KPYECYICHARFTQSGTMKMHILQKHTENVAKFHCPHCDTVIARKSDLGVHLRKQHSYIEQGKKCRYCDAVFHERYALIQ
HQKSHKNEKRFKCDQCDYASRQERHMIMHKRTHTGEKPYACSHCDKTFRQKQLLDMHFKRYHDPNFVPAAFVCSKCGKTF
TRRNTMARHADNCAGP
;
A,B
3 'polydeoxyribonucleotide'
;(DT)(DC)(DT)(DG)(DC)(DT)(DG)(DG)(DT)(DT)(DA)(DA)(DA)(DT)(DG)(DT)(DG)(DG)(DT)(DA)
(DC)(DT)(DG)(DC)(DA)(DA)
;
C,E
#
loop_
_chem_comp.id
_chem_comp.type
_chem_comp.name
_chem_comp.formula
DA DNA linking 2'-DEOXYADENOSINE-5'-MONOPHOSPHATE 'C10 H14 N5 O6 P'
DC DNA linking 2'-DEOXYCYTIDINE-5'-MONOPHOSPHATE 'C9 H14 N3 O7 P'
DG DNA linking 2'-DEOXYGUANOSINE-5'-MONOPHOSPHATE 'C10 H14 N5 O7 P'
DT DNA linking THYMIDINE-5'-MONOPHOSPHATE 'C10 H15 N2 O8 P'
ZN non-polymer 'ZINC ION' 'Zn 2'
#
# COMPACT_ATOMS: atom_id res chain seq x y z
N PRO B 2 30.85 -41.45 -33.94
CA PRO B 2 30.21 -40.40 -34.74
C PRO B 2 29.94 -39.17 -33.87
N TYR B 3 29.54 -38.00 -34.39
CA TYR B 3 29.39 -37.69 -35.82
C TYR B 3 30.31 -36.48 -36.03
N GLU B 4 31.60 -36.72 -36.24
CA GLU B 4 32.55 -35.64 -36.41
C GLU B 4 32.24 -34.83 -37.67
N CYS B 5 31.82 -33.59 -37.51
CA CYS B 5 31.57 -32.75 -38.66
C CYS B 5 32.87 -32.54 -39.40
N TYR B 6 32.80 -32.48 -40.72
CA TYR B 6 34.02 -32.32 -41.47
C TYR B 6 34.74 -31.01 -41.20
N ILE B 7 34.01 -29.90 -41.10
CA ILE B 7 34.68 -28.63 -40.92
C ILE B 7 35.43 -28.34 -39.61
N CYS B 8 34.84 -28.60 -38.44
CA CYS B 8 35.51 -28.26 -37.18
C CYS B 8 35.87 -29.50 -36.40
N HIS B 9 35.51 -30.61 -36.99
CA HIS B 9 35.64 -31.98 -36.45
C HIS B 9 35.06 -32.08 -35.04
N ALA B 10 34.18 -31.13 -34.69
CA ALA B 10 33.33 -31.28 -33.51
C ALA B 10 32.50 -32.55 -33.61
N ARG B 11 32.16 -33.10 -32.44
CA ARG B 11 31.58 -34.43 -32.30
C ARG B 11 30.30 -34.36 -31.49
N PHE B 12 29.34 -35.19 -31.86
CA PHE B 12 28.02 -35.27 -31.23
C PHE B 12 27.54 -36.69 -31.34
N THR B 13 26.41 -36.99 -30.68
CA THR B 13 25.84 -38.34 -30.71
C THR B 13 24.99 -38.60 -31.95
N GLN B 14 24.20 -37.61 -32.40
CA GLN B 14 23.33 -37.80 -33.55
C GLN B 14 23.62 -36.83 -34.70
N SER B 15 23.32 -37.32 -35.91
CA SER B 15 23.52 -36.53 -37.12
C SER B 15 22.68 -35.25 -37.10
N GLY B 16 21.47 -35.32 -36.52
CA GLY B 16 20.61 -34.13 -36.46
C GLY B 16 21.18 -33.04 -35.58
N THR B 17 21.64 -33.39 -34.39
CA THR B 17 22.33 -32.40 -33.57
C THR B 17 23.58 -31.91 -34.30
N MET B 18 24.23 -32.81 -35.05
CA MET B 18 25.41 -32.35 -35.78
C MET B 18 25.06 -31.31 -36.85
N LYS B 19 24.04 -31.61 -37.67
CA LYS B 19 23.62 -30.65 -38.69
C LYS B 19 23.12 -29.37 -38.05
N MET B 20 22.63 -29.46 -36.81
CA MET B 20 22.32 -28.25 -36.06
C MET B 20 23.59 -27.45 -35.80
N HIS B 21 24.70 -28.14 -35.50
CA HIS B 21 25.98 -27.43 -35.35
C HIS B 21 26.39 -26.76 -36.66
N ILE B 22 26.18 -27.45 -37.79
CA ILE B 22 26.53 -26.85 -39.08
C ILE B 22 25.67 -25.60 -39.33
N LEU B 23 24.39 -25.68 -38.98
CA LEU B 23 23.49 -24.53 -39.19
C LEU B 23 23.83 -23.36 -38.27
N GLN B 24 24.17 -23.65 -37.01
CA GLN B 24 24.50 -22.62 -36.03
C GLN B 24 25.84 -21.95 -36.35
N LYS B 25 26.89 -22.73 -36.59
CA LYS B 25 28.21 -22.14 -36.86
C LYS B 25 28.47 -21.92 -38.37
N HIS B 26 28.39 -22.99 -39.15
CA HIS B 26 28.62 -22.91 -40.60
N VAL B 30 23.49 -18.34 -38.57
CA VAL B 30 22.76 -17.12 -38.93
C VAL B 30 21.29 -17.43 -39.14
N ALA B 31 20.49 -17.21 -38.10
CA ALA B 31 19.08 -17.59 -38.20
C ALA B 31 18.23 -16.68 -37.33
N LYS B 32 16.92 -16.94 -37.39
CA LYS B 32 15.91 -16.22 -36.63
C LYS B 32 15.96 -16.76 -35.19
N PHE B 33 14.92 -16.64 -34.34
CA PHE B 33 13.55 -16.16 -34.57
C PHE B 33 13.21 -14.97 -33.72
N HIS B 34 12.33 -14.12 -34.24
CA HIS B 34 11.91 -12.90 -33.54
C HIS B 34 10.61 -13.20 -32.80
N CYS B 35 10.62 -12.96 -31.49
CA CYS B 35 9.42 -13.19 -30.71
C CYS B 35 8.28 -12.32 -31.25
N PRO B 36 7.10 -12.89 -31.48
CA PRO B 36 6.01 -12.08 -32.02
C PRO B 36 5.63 -10.90 -31.14
N HIS B 37 5.84 -11.01 -29.83
CA HIS B 37 5.39 -9.96 -28.92
C HIS B 37 6.52 -9.08 -28.40
N CYS B 38 7.60 -9.64 -27.86
CA CYS B 38 8.73 -8.78 -27.53
C CYS B 38 9.66 -8.69 -28.73
N ASP B 39 10.64 -7.79 -28.64
CA ASP B 39 11.59 -7.55 -29.71
C ASP B 39 12.79 -8.48 -29.69
N THR B 40 12.81 -9.47 -28.81
CA THR B 40 13.98 -10.31 -28.67
C THR B 40 14.10 -11.30 -29.83
N VAL B 41 15.31 -11.82 -30.00
CA VAL B 41 15.62 -12.84 -30.98
C VAL B 41 16.26 -14.03 -30.26
N ILE B 42 15.88 -15.24 -30.67
CA ILE B 42 16.34 -16.45 -30.04
C ILE B 42 17.06 -17.30 -31.07
N ALA B 43 18.15 -17.94 -30.68
CA ALA B 43 18.87 -18.85 -31.54
C ALA B 43 17.97 -19.98 -32.05
N ARG B 44 17.46 -20.81 -31.15
CA ARG B 44 16.69 -22.00 -31.49
C ARG B 44 15.20 -21.80 -31.24
N LYS B 45 14.38 -22.40 -32.12
CA LYS B 45 12.94 -22.24 -32.05
C LYS B 45 12.37 -22.75 -30.73
N SER B 46 12.79 -23.92 -30.30
CA SER B 46 12.31 -24.45 -29.02
C SER B 46 12.63 -23.49 -27.88
N ASP B 47 13.78 -22.81 -27.97
CA ASP B 47 14.09 -21.80 -26.97
C ASP B 47 13.14 -20.61 -27.09
N LEU B 48 12.70 -20.27 -28.30
CA LEU B 48 11.58 -19.32 -28.40
C LEU B 48 10.34 -19.87 -27.69
N GLY B 49 10.10 -21.17 -27.82
CA GLY B 49 8.99 -21.79 -27.10
C GLY B 49 9.06 -21.54 -25.61
N VAL B 50 10.25 -21.73 -25.01
CA VAL B 50 10.36 -21.49 -23.58
C VAL B 50 10.26 -20.00 -23.30
N HIS B 51 10.81 -19.17 -24.18
CA HIS B 51 10.77 -17.73 -23.98
C HIS B 51 9.33 -17.26 -23.85
N LEU B 52 8.46 -17.69 -24.74
CA LEU B 52 7.13 -17.10 -24.64
C LEU B 52 6.20 -17.89 -23.72
N ARG B 53 6.55 -19.14 -23.36
CA ARG B 53 5.87 -19.81 -22.26
C ARG B 53 6.26 -19.25 -20.90
N LYS B 54 7.29 -18.42 -20.84
CA LYS B 54 7.69 -17.83 -19.58
C LYS B 54 7.48 -16.33 -19.53
N GLN B 55 7.74 -15.62 -20.64
CA GLN B 55 7.54 -14.18 -20.70
C GLN B 55 6.10 -13.80 -21.04
N HIS B 56 5.40 -14.61 -21.84
CA HIS B 56 4.13 -14.13 -22.38
C HIS B 56 2.95 -15.01 -22.02
N SER B 57 3.10 -15.88 -21.02
CA SER B 57 1.96 -16.64 -20.50
C SER B 57 1.20 -15.80 -19.49
N TYR B 58 -0.13 -15.87 -19.56
CA TYR B 58 -0.99 -15.13 -18.64
C TYR B 58 -0.90 -15.71 -17.24
N ILE B 59 -0.48 -14.87 -16.29
CA ILE B 59 -0.46 -15.22 -14.87
C ILE B 59 -1.80 -14.88 -14.24
N GLU B 60 -2.36 -15.83 -13.49
CA GLU B 60 -3.73 -15.69 -13.00
C GLU B 60 -3.83 -14.57 -11.95
N GLN B 61 -2.96 -14.57 -10.96
CA GLN B 61 -2.91 -13.47 -10.01
C GLN B 61 -1.81 -12.51 -10.44
N GLY B 62 -2.19 -11.27 -10.75
CA GLY B 62 -1.20 -10.30 -11.19
C GLY B 62 -0.13 -10.08 -10.14
N LYS B 63 1.05 -9.73 -10.61
CA LYS B 63 2.17 -9.35 -9.77
C LYS B 63 2.26 -7.85 -9.65
N LYS B 64 2.81 -7.38 -8.54
CA LYS B 64 2.98 -5.95 -8.32
C LYS B 64 4.34 -5.50 -8.81
N CYS B 65 4.39 -4.27 -9.31
CA CYS B 65 5.68 -3.64 -9.52
C CYS B 65 6.43 -3.60 -8.20
N ARG B 66 7.75 -3.74 -8.28
CA ARG B 66 8.56 -3.77 -7.07
C ARG B 66 8.55 -2.40 -6.39
N TYR B 67 8.50 -1.33 -7.17
CA TYR B 67 8.54 0.05 -6.70
C TYR B 67 7.18 0.74 -6.80
N CYS B 68 6.30 0.21 -7.62
CA CYS B 68 5.13 0.90 -8.09
C CYS B 68 3.91 0.06 -7.72
N ASP B 69 2.72 0.62 -7.87
CA ASP B 69 1.53 -0.15 -7.55
C ASP B 69 0.92 -0.82 -8.78
N ALA B 70 1.54 -0.69 -9.94
CA ALA B 70 1.08 -1.38 -11.13
C ALA B 70 1.10 -2.88 -10.93
N VAL B 71 0.03 -3.54 -11.37
CA VAL B 71 -0.01 -4.99 -11.43
C VAL B 71 0.05 -5.42 -12.89
N PHE B 72 0.44 -6.67 -13.10
CA PHE B 72 0.61 -7.21 -14.45
C PHE B 72 0.26 -8.69 -14.44
N HIS B 73 -0.45 -9.12 -15.48
CA HIS B 73 -0.72 -10.53 -15.70
C HIS B 73 0.17 -11.10 -16.81
N GLU B 74 1.28 -10.43 -17.10
CA GLU B 74 2.28 -10.92 -18.05
C GLU B 74 3.67 -10.54 -17.55
N ARG B 75 4.54 -11.55 -17.45
CA ARG B 75 5.91 -11.37 -17.00
C ARG B 75 6.64 -10.24 -17.72
N TYR B 76 6.78 -10.38 -19.04
CA TYR B 76 7.51 -9.39 -19.83
C TYR B 76 6.98 -7.98 -19.58
N ALA B 77 5.66 -7.82 -19.63
CA ALA B 77 5.06 -6.52 -19.33
C ALA B 77 5.51 -6.01 -17.97
N LEU B 78 5.57 -6.90 -16.98
CA LEU B 78 5.99 -6.50 -15.63
C LEU B 78 7.41 -5.95 -15.63
N ILE B 79 8.38 -6.75 -16.05
CA ILE B 79 9.78 -6.31 -15.99
C ILE B 79 9.98 -5.05 -16.84
N GLN B 80 9.36 -5.04 -18.02
CA GLN B 80 9.43 -3.87 -18.90
C GLN B 80 8.85 -2.64 -18.22
N HIS B 81 7.94 -2.82 -17.27
CA HIS B 81 7.45 -1.69 -16.52
C HIS B 81 8.42 -1.28 -15.42
N GLN B 82 9.00 -2.28 -14.74
CA GLN B 82 10.05 -1.99 -13.76
C GLN B 82 11.21 -1.24 -14.41
N LYS B 83 11.17 -1.12 -15.74
CA LYS B 83 12.10 -0.22 -16.42
C LYS B 83 11.83 1.25 -16.12
N SER B 84 10.56 1.68 -16.18
CA SER B 84 10.18 3.09 -15.96
C SER B 84 10.56 3.57 -14.57
N HIS B 85 11.15 2.67 -13.81
CA HIS B 85 11.69 2.99 -12.52
C HIS B 85 13.22 3.00 -12.44
N LYS B 86 13.92 2.83 -13.56
CA LYS B 86 15.36 3.04 -13.57
C LYS B 86 15.86 3.61 -14.91
N ASN B 87 16.55 4.75 -14.94
CA ASN B 87 16.48 5.85 -13.98
C ASN B 87 16.74 5.37 -12.56
N GLU B 88 15.99 5.69 -11.50
CA GLU B 88 14.95 6.72 -11.34
C GLU B 88 14.90 6.98 -9.86
N LYS B 89 14.18 8.02 -9.46
CA LYS B 89 14.05 8.29 -8.04
C LYS B 89 12.94 7.43 -7.48
N ARG B 90 13.26 6.16 -7.28
CA ARG B 90 12.30 5.11 -6.95
C ARG B 90 11.56 5.26 -5.65
N PHE B 91 12.23 5.70 -4.59
CA PHE B 91 11.56 5.78 -3.30
C PHE B 91 11.26 7.19 -2.87
N LYS B 92 9.98 7.54 -2.88
CA LYS B 92 9.55 8.82 -2.35
C LYS B 92 9.42 8.71 -0.86
N CYS B 93 9.46 9.84 -0.17
CA CYS B 93 9.37 9.85 1.30
C CYS B 93 8.11 10.59 1.73
N ASP B 94 7.34 10.00 2.62
CA ASP B 94 6.06 10.59 2.98
C ASP B 94 6.12 11.95 3.67
N GLN B 95 6.99 12.08 4.66
CA GLN B 95 7.09 13.32 5.42
C GLN B 95 7.63 14.55 4.68
N CYS B 96 8.63 14.34 3.84
CA CYS B 96 9.33 15.40 3.14
C CYS B 96 9.45 14.96 1.70
N ASP B 97 9.80 15.87 0.80
CA ASP B 97 9.75 15.55 -0.62
C ASP B 97 11.06 15.04 -1.21
N TYR B 98 11.95 14.59 -0.35
CA TYR B 98 13.21 13.98 -0.76
C TYR B 98 12.96 12.67 -1.50
N ALA B 99 13.79 12.34 -2.49
CA ALA B 99 13.67 11.07 -3.20
C ALA B 99 15.01 10.39 -3.42
N SER B 100 15.06 9.06 -3.31
CA SER B 100 16.30 8.32 -3.48
C SER B 100 16.21 7.16 -4.47
N ARG B 101 17.25 6.97 -5.27
CA ARG B 101 17.36 5.81 -6.12
C ARG B 101 17.49 4.53 -5.31
N GLN B 102 18.20 4.59 -4.19
CA GLN B 102 18.43 3.42 -3.37
C GLN B 102 17.73 3.51 -2.03
N GLU B 103 17.23 2.38 -1.55
CA GLU B 103 16.51 2.35 -0.30
C GLU B 103 17.36 2.75 0.89
N ARG B 104 18.59 2.25 0.95
CA ARG B 104 19.36 2.45 2.17
C ARG B 104 19.35 3.93 2.44
N HIS B 105 19.52 4.70 1.38
CA HIS B 105 19.52 6.14 1.49
C HIS B 105 18.17 6.58 1.97
N MET B 106 17.12 5.93 1.50
CA MET B 106 15.78 6.33 1.91
C MET B 106 15.59 6.12 3.39
N ILE B 107 16.11 5.02 3.92
CA ILE B 107 15.99 4.77 5.34
C ILE B 107 16.72 5.81 6.16
N MET B 108 17.92 6.20 5.76
CA MET B 108 18.65 7.18 6.54
C MET B 108 17.90 8.48 6.56
N HIS B 109 17.36 8.89 5.43
CA HIS B 109 16.72 10.18 5.35
C HIS B 109 15.60 10.15 6.33
N LYS B 110 14.97 9.01 6.45
CA LYS B 110 13.78 8.88 7.25
C LYS B 110 14.14 9.31 8.64
N ARG B 111 15.35 8.97 9.04
CA ARG B 111 15.79 9.19 10.40
C ARG B 111 15.76 10.67 10.75
N THR B 112 16.02 11.53 9.77
CA THR B 112 15.95 12.95 10.06
C THR B 112 14.54 13.35 10.48
N HIS B 113 13.52 12.86 9.78
CA HIS B 113 12.13 13.12 10.15
C HIS B 113 11.67 12.49 11.44
N THR B 114 11.99 11.22 11.57
CA THR B 114 11.73 10.44 12.78
C THR B 114 13.06 10.13 13.46
N GLY B 115 13.60 11.14 14.13
CA GLY B 115 14.86 11.04 14.89
C GLY B 115 15.12 9.75 15.65
N LYS B 117 18.62 8.78 15.66
CA LYS B 117 20.07 8.72 15.58
C LYS B 117 20.69 7.47 16.22
N PRO B 118 20.25 6.28 15.82
CA PRO B 118 20.67 5.05 16.51
C PRO B 118 22.02 4.50 16.01
N TYR B 119 23.06 5.34 16.09
CA TYR B 119 24.44 4.89 15.99
C TYR B 119 25.21 5.65 17.06
N ALA B 120 25.98 4.95 17.87
CA ALA B 120 26.45 5.50 19.14
C ALA B 120 27.90 5.10 19.40
N CYS B 121 28.76 6.10 19.60
CA CYS B 121 30.17 5.84 19.89
C CYS B 121 30.30 5.11 21.22
N SER B 122 31.16 4.09 21.25
CA SER B 122 31.44 3.35 22.47
C SER B 122 32.25 4.15 23.49
N HIS B 123 32.76 5.34 23.15
CA HIS B 123 33.52 6.13 24.12
C HIS B 123 32.90 7.47 24.50
N CYS B 124 31.92 7.98 23.77
CA CYS B 124 31.29 9.24 24.15
C CYS B 124 29.79 9.10 24.03
N ASP B 125 29.09 10.17 24.40
CA ASP B 125 27.62 10.15 24.38
C ASP B 125 27.05 10.33 22.97
N LYS B 126 27.87 10.75 22.01
CA LYS B 126 27.37 11.18 20.71
C LYS B 126 26.61 10.05 20.01
N THR B 127 25.47 10.40 19.45
CA THR B 127 24.61 9.48 18.70
C THR B 127 24.52 9.98 17.27
N PHE B 128 24.88 9.11 16.31
CA PHE B 128 24.96 9.49 14.90
C PHE B 128 23.82 8.89 14.11
N ARG B 129 23.38 9.61 13.09
CA ARG B 129 22.22 9.20 12.31
C ARG B 129 22.61 8.21 11.24
N GLN B 130 23.60 8.54 10.45
CA GLN B 130 24.01 7.69 9.36
C GLN B 130 24.80 6.55 9.91
N LYS B 131 25.12 5.62 9.03
CA LYS B 131 25.56 4.29 9.36
C LYS B 131 26.97 4.52 9.80
N GLN B 132 27.78 3.48 9.82
CA GLN B 132 29.06 3.59 10.47
C GLN B 132 29.85 4.71 9.79
N LEU B 133 29.37 5.15 8.63
CA LEU B 133 30.08 6.15 7.86
C LEU B 133 30.25 7.37 8.74
N LEU B 134 29.23 7.72 9.50
CA LEU B 134 29.32 8.92 10.33
C LEU B 134 29.93 8.58 11.67
N ASP B 135 30.34 7.33 11.82
CA ASP B 135 31.01 6.88 13.02
C ASP B 135 32.51 6.96 12.81
N MET B 136 32.90 7.80 11.87
CA MET B 136 34.28 8.18 11.66
C MET B 136 34.65 9.31 12.63
N HIS B 137 33.69 9.68 13.47
CA HIS B 137 33.94 10.50 14.64
C HIS B 137 34.91 9.71 15.48
N PHE B 138 34.75 8.40 15.48
CA PHE B 138 35.62 7.56 16.24
C PHE B 138 37.06 7.71 15.78
N LYS B 139 37.28 7.77 14.47
CA LYS B 139 38.64 7.91 13.98
C LYS B 139 39.27 9.23 14.39
N ARG B 140 38.51 10.30 14.27
CA ARG B 140 39.02 11.63 14.60
C ARG B 140 39.31 11.89 16.07
N TYR B 141 38.42 11.47 16.95
CA TYR B 141 38.58 11.82 18.35
C TYR B 141 39.16 10.73 19.24
N HIS B 142 38.62 9.54 19.12
CA HIS B 142 39.11 8.41 19.88
C HIS B 142 40.20 7.79 19.05
N ASP B 143 41.31 8.51 18.96
CA ASP B 143 42.16 8.51 17.78
C ASP B 143 43.41 7.67 17.82
N PRO B 144 43.43 6.67 16.83
CA PRO B 144 44.76 6.06 16.69
C PRO B 144 45.81 7.12 16.37
N VAL B 147 45.96 11.64 12.26
CA VAL B 147 46.26 11.47 10.84
C VAL B 147 45.18 12.02 9.90
N PRO B 148 45.02 13.34 9.83
CA PRO B 148 44.16 13.95 8.81
C PRO B 148 44.79 13.88 7.42
N ALA B 149 43.97 13.85 6.37
CA ALA B 149 44.45 13.78 5.00
C ALA B 149 45.14 15.06 4.53
N ALA B 150 46.29 14.91 3.87
CA ALA B 150 47.10 16.03 3.41
C ALA B 150 46.59 16.94 2.30
N PHE B 151 46.11 16.38 1.20
CA PHE B 151 45.61 17.19 0.10
C PHE B 151 46.49 18.32 -0.44
N VAL B 152 47.75 18.04 -0.78
CA VAL B 152 48.68 19.08 -1.21
C VAL B 152 48.33 19.79 -2.50
N CYS B 153 48.52 21.10 -2.52
CA CYS B 153 48.43 21.89 -3.74
C CYS B 153 49.72 21.87 -4.52
N SER B 154 49.64 22.22 -5.78
CA SER B 154 50.83 22.32 -6.61
C SER B 154 50.88 23.68 -7.31
N LYS B 155 52.02 24.35 -7.31
CA LYS B 155 53.22 23.86 -6.67
C LYS B 155 53.51 24.57 -5.36
N CYS B 156 52.58 25.36 -4.86
CA CYS B 156 52.87 26.14 -3.68
C CYS B 156 53.21 25.23 -2.51
N GLY B 157 52.60 24.07 -2.50
CA GLY B 157 52.80 23.11 -1.44
C GLY B 157 51.91 23.25 -0.24
N LYS B 158 50.90 24.12 -0.30
CA LYS B 158 50.03 24.26 0.85
C LYS B 158 49.14 23.03 1.00
N THR B 159 48.69 22.80 2.23
CA THR B 159 47.87 21.65 2.56
C THR B 159 46.44 22.11 2.83
N PHE B 160 45.47 21.28 2.46
CA PHE B 160 44.06 21.54 2.70
C PHE B 160 43.42 20.25 3.15
N THR B 161 42.52 20.34 4.13
CA THR B 161 41.87 19.13 4.60
C THR B 161 40.80 18.63 3.66
N ARG B 162 40.54 19.34 2.56
CA ARG B 162 39.48 18.92 1.64
C ARG B 162 39.88 19.17 0.18
N ARG B 163 39.68 18.16 -0.65
CA ARG B 163 40.10 18.23 -2.04
C ARG B 163 39.52 19.40 -2.79
N ASN B 164 38.23 19.62 -2.64
CA ASN B 164 37.58 20.66 -3.40
C ASN B 164 38.19 22.00 -3.10
N THR B 165 38.50 22.24 -1.83
CA THR B 165 39.11 23.50 -1.49
C THR B 165 40.45 23.62 -2.17
N MET B 166 41.22 22.54 -2.13
CA MET B 166 42.54 22.57 -2.70
C MET B 166 42.46 22.79 -4.18
N ALA B 167 41.53 22.13 -4.82
CA ALA B 167 41.42 22.21 -6.25
C ALA B 167 41.10 23.63 -6.63
N ARG B 168 40.23 24.23 -5.87
CA ARG B 168 39.82 25.58 -6.17
C ARG B 168 41.00 26.51 -6.06
N HIS B 169 41.80 26.33 -5.02
CA HIS B 169 42.96 27.18 -4.82
C HIS B 169 43.96 26.98 -5.94
N ALA B 170 44.16 25.74 -6.32
CA ALA B 170 45.17 25.40 -7.30
C ALA B 170 44.85 26.08 -8.60
N ASP B 171 43.57 26.23 -8.88
CA ASP B 171 43.15 26.76 -10.15
C ASP B 171 43.75 28.13 -10.30
N ASN B 172 43.87 28.86 -9.21
CA ASN B 172 44.51 30.16 -9.26
C ASN B 172 45.61 30.29 -8.23
N CYS B 173 46.73 29.61 -8.49
CA CYS B 173 47.93 29.77 -7.68
C CYS B 173 49.11 29.83 -8.62
N LYS C 1 -54.71 -20.82 -10.74
CA LYS C 1 -53.95 -22.04 -10.58
C LYS C 1 -54.13 -22.64 -9.19
N PRO C 2 -54.43 -24.00 -9.17
CA PRO C 2 -54.48 -24.57 -7.81
C PRO C 2 -53.07 -24.71 -7.29
N TYR C 3 -52.89 -25.02 -6.02
CA TYR C 3 -53.91 -25.62 -5.20
C TYR C 3 -53.91 -25.03 -3.80
N GLU C 4 -55.09 -24.71 -3.27
CA GLU C 4 -55.21 -24.03 -1.99
C GLU C 4 -54.67 -24.88 -0.85
N CYS C 5 -53.97 -24.24 0.07
CA CYS C 5 -53.40 -24.94 1.23
C CYS C 5 -54.46 -25.01 2.30
N TYR C 6 -54.66 -26.19 2.87
CA TYR C 6 -55.79 -26.35 3.78
C TYR C 6 -55.80 -25.58 5.09
N ILE C 7 -54.69 -25.57 5.83
CA ILE C 7 -54.69 -24.84 7.09
C ILE C 7 -54.83 -23.36 6.80
N CYS C 8 -54.05 -22.87 5.85
CA CYS C 8 -54.10 -21.47 5.45
C CYS C 8 -54.27 -21.56 3.95
N HIS C 9 -55.29 -20.94 3.43
CA HIS C 9 -55.60 -21.25 2.06
C HIS C 9 -54.81 -20.46 1.07
N ALA C 10 -53.52 -20.76 1.00
CA ALA C 10 -52.71 -20.35 -0.12
C ALA C 10 -53.24 -21.24 -1.24
N ARG C 11 -53.29 -20.80 -2.49
CA ARG C 11 -52.51 -19.71 -3.08
C ARG C 11 -51.23 -20.13 -3.82
N PHE C 12 -51.05 -21.43 -4.05
CA PHE C 12 -49.86 -21.93 -4.74
C PHE C 12 -50.13 -22.54 -6.13
N THR C 13 -49.27 -22.23 -7.08
CA THR C 13 -49.40 -22.77 -8.42
C THR C 13 -49.23 -24.29 -8.53
N GLN C 14 -48.29 -24.85 -7.79
CA GLN C 14 -48.01 -26.29 -7.90
C GLN C 14 -48.00 -26.97 -6.55
N SER C 15 -48.37 -28.23 -6.51
CA SER C 15 -48.55 -28.89 -5.24
C SER C 15 -47.28 -28.95 -4.43
N GLY C 16 -46.16 -29.20 -5.09
CA GLY C 16 -44.89 -29.31 -4.39
C GLY C 16 -44.55 -28.04 -3.63
N THR C 17 -44.75 -26.89 -4.27
CA THR C 17 -44.51 -25.62 -3.59
C THR C 17 -45.49 -25.45 -2.43
N MET C 18 -46.73 -25.88 -2.59
CA MET C 18 -47.66 -25.78 -1.47
C MET C 18 -47.20 -26.63 -0.28
N LYS C 19 -46.77 -27.87 -0.54
CA LYS C 19 -46.26 -28.70 0.55
C LYS C 19 -45.02 -28.05 1.16
N MET C 20 -44.26 -27.33 0.34
CA MET C 20 -43.13 -26.57 0.86
C MET C 20 -43.63 -25.49 1.82
N HIS C 21 -44.76 -24.86 1.51
CA HIS C 21 -45.36 -23.89 2.42
C HIS C 21 -45.77 -24.55 3.74
N ILE C 22 -46.32 -25.77 3.66
CA ILE C 22 -46.65 -26.49 4.89
C ILE C 22 -45.40 -26.72 5.71
N LEU C 23 -44.28 -27.05 5.04
CA LEU C 23 -43.03 -27.28 5.76
C LEU C 23 -42.45 -25.97 6.36
N GLN C 24 -42.55 -24.86 5.61
CA GLN C 24 -42.02 -23.57 6.04
C GLN C 24 -42.84 -22.96 7.18
N LYS C 25 -44.16 -22.93 7.05
CA LYS C 25 -45.03 -22.36 8.09
C LYS C 25 -45.48 -23.40 9.11
N HIS C 26 -46.13 -24.45 8.62
CA HIS C 26 -46.69 -25.51 9.45
N VAL C 30 -39.23 -25.68 12.68
CA VAL C 30 -39.15 -25.72 11.22
C VAL C 30 -37.94 -26.49 10.69
N ALA C 31 -36.95 -25.78 10.16
CA ALA C 31 -35.90 -26.41 9.37
C ALA C 31 -34.45 -25.95 9.52
N LYS C 32 -33.58 -26.79 8.99
CA LYS C 32 -32.16 -26.57 8.86
C LYS C 32 -32.04 -25.68 7.62
N PHE C 33 -30.86 -25.43 7.05
CA PHE C 33 -29.69 -26.27 7.17
C PHE C 33 -28.49 -25.44 7.56
N HIS C 34 -27.50 -26.11 8.13
CA HIS C 34 -26.32 -25.42 8.63
C HIS C 34 -25.20 -25.51 7.63
N CYS C 35 -24.62 -24.37 7.29
CA CYS C 35 -23.52 -24.35 6.34
C CYS C 35 -22.31 -25.03 6.93
N PRO C 36 -21.81 -26.07 6.27
CA PRO C 36 -20.75 -26.89 6.87
C PRO C 36 -19.54 -26.09 7.35
N HIS C 37 -19.29 -24.92 6.76
CA HIS C 37 -18.11 -24.11 7.04
C HIS C 37 -18.37 -22.95 8.00
N CYS C 38 -19.37 -22.10 7.72
CA CYS C 38 -19.74 -21.03 8.63
C CYS C 38 -20.86 -21.49 9.58
N ASP C 39 -21.19 -20.62 10.53
CA ASP C 39 -22.22 -20.88 11.53
C ASP C 39 -23.62 -20.49 11.08
N THR C 40 -23.82 -20.05 9.84
CA THR C 40 -25.13 -19.59 9.43
C THR C 40 -26.07 -20.76 9.18
N VAL C 41 -27.37 -20.46 9.21
CA VAL C 41 -28.44 -21.39 8.89
C VAL C 41 -29.28 -20.78 7.79
N ILE C 42 -29.71 -21.61 6.85
CA ILE C 42 -30.46 -21.16 5.68
C ILE C 42 -31.81 -21.85 5.69
N ALA C 43 -32.86 -21.12 5.31
CA ALA C 43 -34.19 -21.69 5.21
C ALA C 43 -34.20 -22.90 4.28
N ARG C 44 -33.90 -22.69 3.01
CA ARG C 44 -34.00 -23.72 2.00
C ARG C 44 -32.64 -24.24 1.59
N LYS C 45 -32.59 -25.55 1.28
CA LYS C 45 -31.33 -26.18 0.89
C LYS C 45 -30.72 -25.50 -0.32
N SER C 46 -31.52 -25.24 -1.35
CA SER C 46 -31.02 -24.56 -2.54
C SER C 46 -30.39 -23.22 -2.20
N ASP C 47 -30.99 -22.52 -1.24
CA ASP C 47 -30.38 -21.27 -0.78
C ASP C 47 -29.06 -21.52 -0.07
N LEU C 48 -28.93 -22.63 0.65
CA LEU C 48 -27.59 -23.01 1.10
C LEU C 48 -26.64 -23.19 -0.08
N GLY C 49 -27.15 -23.80 -1.16
CA GLY C 49 -26.36 -23.94 -2.37
C GLY C 49 -25.80 -22.63 -2.86
N VAL C 50 -26.64 -21.59 -2.89
CA VAL C 50 -26.15 -20.29 -3.34
C VAL C 50 -25.21 -19.68 -2.29
N HIS C 51 -25.52 -19.89 -1.01
CA HIS C 51 -24.69 -19.35 0.04
C HIS C 51 -23.25 -19.80 -0.12
N LEU C 52 -23.04 -21.09 -0.34
CA LEU C 52 -21.66 -21.57 -0.42
C LEU C 52 -21.11 -21.60 -1.84
N ARG C 53 -21.94 -21.34 -2.87
CA ARG C 53 -21.36 -20.95 -4.15
C ARG C 53 -20.91 -19.49 -4.19
N LYS C 54 -21.28 -18.68 -3.20
CA LYS C 54 -20.89 -17.29 -3.19
C LYS C 54 -19.93 -16.92 -2.06
N GLN C 55 -20.09 -17.48 -0.86
CA GLN C 55 -19.21 -17.18 0.25
C GLN C 55 -17.94 -18.03 0.25
N HIS C 56 -18.01 -19.27 -0.26
CA HIS C 56 -16.96 -20.25 -0.02
C HIS C 56 -16.34 -20.81 -1.30
N SER C 57 -16.53 -20.13 -2.42
CA SER C 57 -15.84 -20.49 -3.65
C SER C 57 -14.45 -19.85 -3.66
N TYR C 58 -13.47 -20.61 -4.15
CA TYR C 58 -12.10 -20.09 -4.22
C TYR C 58 -12.05 -18.99 -5.28
N ILE C 59 -11.69 -17.79 -4.86
CA ILE C 59 -11.47 -16.69 -5.79
C ILE C 59 -10.04 -16.76 -6.27
N GLU C 60 -9.84 -16.72 -7.60
CA GLU C 60 -8.51 -17.05 -8.10
C GLU C 60 -7.50 -15.97 -7.73
N GLN C 61 -7.84 -14.71 -7.94
CA GLN C 61 -7.00 -13.60 -7.50
C GLN C 61 -7.54 -13.08 -6.18
N GLY C 62 -6.69 -13.10 -5.15
CA GLY C 62 -7.13 -12.67 -3.84
C GLY C 62 -7.60 -11.22 -3.82
N LYS C 63 -8.53 -10.94 -2.90
CA LYS C 63 -8.99 -9.59 -2.62
C LYS C 63 -8.26 -9.04 -1.41
N LYS C 64 -8.08 -7.71 -1.39
CA LYS C 64 -7.43 -7.04 -0.28
C LYS C 64 -8.49 -6.51 0.69
N CYS C 65 -8.16 -6.52 1.99
CA CYS C 65 -8.99 -5.85 2.99
C CYS C 65 -9.08 -4.36 2.71
N ARG C 66 -10.24 -3.77 3.01
CA ARG C 66 -10.42 -2.34 2.73
C ARG C 66 -9.51 -1.49 3.61
N TYR C 67 -9.28 -1.92 4.84
CA TYR C 67 -8.55 -1.18 5.87
C TYR C 67 -7.15 -1.71 6.12
N CYS C 68 -6.89 -2.93 5.73
CA CYS C 68 -5.77 -3.76 6.14
C CYS C 68 -5.05 -4.25 4.88
N ASP C 69 -3.91 -4.93 5.03
CA ASP C 69 -3.22 -5.49 3.87
C ASP C 69 -3.47 -6.98 3.65
N ALA C 70 -4.29 -7.62 4.49
CA ALA C 70 -4.62 -9.04 4.29
C ALA C 70 -5.32 -9.27 2.96
N VAL C 71 -4.93 -10.36 2.27
CA VAL C 71 -5.64 -10.82 1.09
C VAL C 71 -6.41 -12.10 1.44
N PHE C 72 -7.46 -12.38 0.71
CA PHE C 72 -8.20 -13.57 0.95
C PHE C 72 -8.68 -14.15 -0.34
N HIS C 73 -8.73 -15.46 -0.42
CA HIS C 73 -9.28 -16.11 -1.59
C HIS C 73 -10.66 -16.65 -1.33
N GLU C 74 -11.20 -16.35 -0.16
CA GLU C 74 -12.55 -16.75 0.19
C GLU C 74 -13.36 -15.53 0.62
N ARG C 75 -14.56 -15.38 0.11
CA ARG C 75 -15.36 -14.23 0.46
C ARG C 75 -15.70 -14.17 1.93
N TYR C 76 -16.10 -15.28 2.51
CA TYR C 76 -16.51 -15.27 3.91
C TYR C 76 -15.33 -14.88 4.75
N ALA C 77 -14.17 -15.41 4.39
CA ALA C 77 -12.98 -15.12 5.14
C ALA C 77 -12.70 -13.65 5.04
N LEU C 78 -12.93 -13.09 3.86
CA LEU C 78 -12.66 -11.67 3.69
C LEU C 78 -13.54 -10.77 4.52
N ILE C 79 -14.84 -11.02 4.52
CA ILE C 79 -15.74 -10.18 5.29
C ILE C 79 -15.47 -10.37 6.76
N GLN C 80 -15.22 -11.60 7.15
CA GLN C 80 -15.04 -11.91 8.54
C GLN C 80 -13.85 -11.15 9.06
N HIS C 81 -12.82 -11.03 8.24
CA HIS C 81 -11.64 -10.27 8.62
C HIS C 81 -11.95 -8.81 8.83
N GLN C 82 -12.78 -8.26 7.96
CA GLN C 82 -13.09 -6.85 8.03
C GLN C 82 -13.82 -6.59 9.35
N LYS C 83 -14.31 -7.66 9.97
CA LYS C 83 -14.84 -7.63 11.32
C LYS C 83 -13.78 -7.22 12.34
N SER C 84 -12.55 -7.63 12.15
CA SER C 84 -11.49 -7.36 13.11
C SER C 84 -11.20 -5.86 13.14
N HIS C 85 -11.77 -5.17 12.17
CA HIS C 85 -11.62 -3.74 11.94
C HIS C 85 -12.83 -2.90 12.36
N LYS C 86 -13.97 -3.52 12.57
CA LYS C 86 -15.16 -2.75 12.94
C LYS C 86 -15.04 -2.20 14.35
N ASN C 87 -15.55 -0.98 14.55
CA ASN C 87 -15.58 -0.41 15.88
C ASN C 87 -14.18 -0.43 16.41
N GLU C 88 -13.24 -0.14 15.54
CA GLU C 88 -11.82 -0.10 15.87
C GLU C 88 -11.27 1.07 15.11
N LYS C 89 -10.12 1.58 15.51
CA LYS C 89 -9.58 2.73 14.83
C LYS C 89 -8.79 2.24 13.63
N ARG C 90 -9.38 2.40 12.47
CA ARG C 90 -8.96 1.72 11.25
C ARG C 90 -8.16 2.55 10.28
N PHE C 91 -7.84 3.79 10.67
CA PHE C 91 -7.12 4.68 9.79
C PHE C 91 -5.93 5.32 10.49
N LYS C 92 -4.88 4.56 10.70
CA LYS C 92 -3.72 5.08 11.40
C LYS C 92 -3.08 6.17 10.56
N CYS C 93 -2.41 7.12 11.21
CA CYS C 93 -1.79 8.24 10.51
C CYS C 93 -0.29 8.06 10.50
N ASP C 94 0.32 8.25 9.34
CA ASP C 94 1.76 8.08 9.16
C ASP C 94 2.67 9.04 9.93
N GLN C 95 2.38 10.32 9.88
CA GLN C 95 3.21 11.33 10.56
C GLN C 95 3.20 11.29 12.09
N CYS C 96 2.02 11.07 12.65
CA CYS C 96 1.80 11.11 14.08
C CYS C 96 0.93 9.92 14.43
N ASP C 97 0.78 9.62 15.71
CA ASP C 97 0.15 8.39 16.13
C ASP C 97 -1.35 8.47 16.34
N TYR C 98 -1.97 9.54 15.89
CA TYR C 98 -3.42 9.68 15.93
C TYR C 98 -4.10 8.66 15.03
N ALA C 99 -5.24 8.14 15.45
CA ALA C 99 -6.01 7.19 14.64
C ALA C 99 -7.46 7.55 14.59
N SER C 100 -8.09 7.36 13.43
CA SER C 100 -9.49 7.71 13.25
C SER C 100 -10.37 6.54 12.83
N ARG C 101 -11.51 6.38 13.47
CA ARG C 101 -12.49 5.39 13.06
C ARG C 101 -13.04 5.69 11.66
N GLN C 102 -13.23 6.97 11.36
CA GLN C 102 -13.77 7.38 10.07
C GLN C 102 -12.72 8.11 9.29
N GLU C 103 -12.68 7.88 7.99
CA GLU C 103 -11.66 8.49 7.16
C GLU C 103 -11.74 10.01 7.15
N ARG C 104 -12.94 10.57 7.09
CA ARG C 104 -13.05 12.01 6.93
C ARG C 104 -12.21 12.69 7.98
N HIS C 105 -12.26 12.15 9.19
CA HIS C 105 -11.50 12.69 10.27
C HIS C 105 -10.04 12.58 9.98
N MET C 106 -9.63 11.48 9.36
CA MET C 106 -8.22 11.28 9.09
C MET C 106 -7.74 12.36 8.16
N ILE C 107 -8.56 12.72 7.19
CA ILE C 107 -8.18 13.76 6.27
C ILE C 107 -7.98 15.09 6.99
N MET C 108 -8.88 15.43 7.91
CA MET C 108 -8.72 16.69 8.62
C MET C 108 -7.45 16.67 9.43
N HIS C 109 -7.18 15.57 10.11
CA HIS C 109 -6.06 15.54 11.02
C HIS C 109 -4.85 15.79 10.19
N LYS C 110 -4.86 15.27 8.99
CA LYS C 110 -3.68 15.32 8.14
C LYS C 110 -3.34 16.78 7.98
N ARG C 111 -4.37 17.60 7.86
CA ARG C 111 -4.19 18.98 7.50
C ARG C 111 -3.31 19.70 8.50
N THR C 112 -3.39 19.32 9.76
CA THR C 112 -2.56 19.97 10.76
C THR C 112 -1.09 19.75 10.37
N HIS C 113 -0.75 18.52 9.98
CA HIS C 113 0.60 18.22 9.48
C HIS C 113 0.94 18.83 8.13
N THR C 114 0.04 18.66 7.19
CA THR C 114 0.13 19.23 5.86
C THR C 114 -0.85 20.40 5.75
N GLY C 115 -0.44 21.52 6.37
CA GLY C 115 -1.21 22.75 6.36
C GLY C 115 -1.95 23.11 5.08
N LYS C 117 -5.11 24.47 5.41
CA LYS C 117 -6.21 25.24 5.98
C LYS C 117 -7.11 25.73 4.86
N PRO C 118 -7.54 24.73 3.97
CA PRO C 118 -8.31 25.26 2.84
C PRO C 118 -9.82 25.41 3.03
N TYR C 119 -10.23 26.21 3.99
CA TYR C 119 -11.59 26.73 4.01
C TYR C 119 -11.45 28.22 4.29
N ALA C 120 -12.10 29.04 3.47
CA ALA C 120 -11.92 30.48 3.62
C ALA C 120 -13.22 31.27 3.67
N CYS C 121 -13.33 32.18 4.63
CA CYS C 121 -14.51 33.00 4.73
C CYS C 121 -14.57 33.95 3.56
N SER C 122 -15.75 34.10 2.97
CA SER C 122 -15.91 35.03 1.89
C SER C 122 -15.67 36.45 2.37
N HIS C 123 -16.19 36.77 3.55
CA HIS C 123 -16.09 38.14 4.04
C HIS C 123 -14.78 38.53 4.72
N CYS C 124 -13.92 37.60 5.02
CA CYS C 124 -12.69 37.94 5.74
C CYS C 124 -11.49 37.06 5.43
N ASP C 125 -10.31 37.56 5.74
CA ASP C 125 -9.10 36.85 5.41
C ASP C 125 -8.83 35.84 6.51
N LYS C 126 -9.73 34.87 6.62
CA LYS C 126 -9.57 33.83 7.63
C LYS C 126 -9.65 32.45 7.00
N THR C 127 -8.69 31.60 7.32
CA THR C 127 -8.64 30.26 6.75
C THR C 127 -8.85 29.22 7.83
N PHE C 128 -9.78 28.31 7.60
CA PHE C 128 -10.11 27.32 8.60
C PHE C 128 -9.76 25.93 8.13
N ARG C 129 -9.05 25.22 8.98
CA ARG C 129 -8.56 23.90 8.67
C ARG C 129 -9.67 22.90 8.46
N GLN C 130 -10.52 22.77 9.45
CA GLN C 130 -11.53 21.74 9.37
C GLN C 130 -12.57 22.22 8.40
N LYS C 131 -13.60 21.41 8.24
CA LYS C 131 -14.58 21.51 7.20
C LYS C 131 -15.43 22.68 7.63
N GLN C 132 -16.60 22.83 7.04
CA GLN C 132 -17.35 24.06 7.18
C GLN C 132 -17.51 24.35 8.66
N LEU C 133 -17.48 23.27 9.44
CA LEU C 133 -17.97 23.21 10.81
C LEU C 133 -17.33 24.37 11.53
N LEU C 134 -16.15 24.77 11.07
CA LEU C 134 -15.54 26.02 11.51
C LEU C 134 -15.91 27.27 10.70
N ASP C 135 -16.89 27.19 9.80
CA ASP C 135 -17.42 28.40 9.14
C ASP C 135 -18.58 29.04 9.95
N MET C 136 -18.75 28.45 11.11
CA MET C 136 -19.54 29.02 12.16
C MET C 136 -18.86 30.28 12.66
N HIS C 137 -17.63 30.51 12.23
CA HIS C 137 -16.98 31.80 12.37
C HIS C 137 -17.89 32.75 11.62
N PHE C 138 -18.45 32.28 10.52
CA PHE C 138 -19.30 33.13 9.73
C PHE C 138 -20.51 33.60 10.53
N LYS C 139 -21.12 32.70 11.30
CA LYS C 139 -22.28 33.09 12.08
C LYS C 139 -21.94 34.14 13.13
N ARG C 140 -20.83 33.95 13.82
CA ARG C 140 -20.43 34.88 14.87
C ARG C 140 -19.97 36.24 14.41
N TYR C 141 -19.17 36.29 13.35
CA TYR C 141 -18.54 37.55 12.98
C TYR C 141 -19.17 38.29 11.82
N HIS C 142 -19.99 37.61 11.03
CA HIS C 142 -20.50 38.19 9.82
C HIS C 142 -21.99 37.98 9.97
N ASP C 143 -22.50 38.79 10.89
CA ASP C 143 -23.41 38.42 11.95
C ASP C 143 -24.89 38.54 11.69
N PRO C 144 -25.49 37.36 11.24
CA PRO C 144 -26.96 37.42 11.22
C PRO C 144 -27.54 37.89 12.56
N VAL C 147 -27.10 35.49 18.12
CA VAL C 147 -27.84 34.46 18.82
C VAL C 147 -26.95 33.38 19.40
N PRO C 148 -26.01 33.81 20.36
CA PRO C 148 -25.30 32.69 21.02
C PRO C 148 -26.24 31.96 21.96
N ALA C 149 -26.08 30.65 22.14
CA ALA C 149 -26.96 29.86 22.99
C ALA C 149 -26.92 30.25 24.46
N ALA C 150 -28.09 30.29 25.08
CA ALA C 150 -28.24 30.64 26.49
C ALA C 150 -27.75 29.67 27.58
N PHE C 151 -28.07 28.39 27.48
CA PHE C 151 -27.66 27.45 28.52
C PHE C 151 -27.99 27.83 29.98
N VAL C 152 -29.24 28.16 30.28
CA VAL C 152 -29.61 28.60 31.62
C VAL C 152 -29.41 27.56 32.70
N CYS C 153 -28.89 27.97 33.85
CA CYS C 153 -28.81 27.12 35.04
C CYS C 153 -30.12 27.12 35.78
N SER C 154 -30.31 26.16 36.67
CA SER C 154 -31.47 26.11 37.53
C SER C 154 -31.07 25.95 38.99
N LYS C 155 -31.64 26.72 39.90
CA LYS C 155 -32.57 27.78 39.56
C LYS C 155 -31.91 29.15 39.52
N CYS C 156 -30.63 29.23 39.86
CA CYS C 156 -29.98 30.52 39.95
C CYS C 156 -30.21 31.38 38.72
N GLY C 157 -30.67 30.75 37.64
CA GLY C 157 -31.01 31.45 36.43
C GLY C 157 -29.85 32.04 35.66
N LYS C 158 -28.61 31.73 36.03
CA LYS C 158 -27.47 32.28 35.31
C LYS C 158 -27.34 31.63 33.93
N THR C 159 -26.69 32.35 33.02
CA THR C 159 -26.49 31.92 31.65
C THR C 159 -25.02 31.57 31.43
N PHE C 160 -24.77 30.57 30.58
CA PHE C 160 -23.43 30.16 30.20
C PHE C 160 -23.40 29.87 28.71
N THR C 161 -22.30 30.24 28.06
CA THR C 161 -22.21 30.00 26.62
C THR C 161 -21.95 28.54 26.30
N ARG C 162 -21.77 27.68 27.31
CA ARG C 162 -21.47 26.28 27.08
C ARG C 162 -22.17 25.38 28.10
N ARG C 163 -22.75 24.30 27.61
CA ARG C 163 -23.46 23.37 28.47
C ARG C 163 -22.60 22.83 29.59
N ASN C 164 -21.41 22.35 29.26
CA ASN C 164 -20.62 21.65 30.24
C ASN C 164 -20.29 22.53 31.41
N THR C 165 -19.96 23.78 31.16
CA THR C 165 -19.70 24.69 32.25
C THR C 165 -20.96 24.92 33.07
N MET C 166 -22.09 25.08 32.41
CA MET C 166 -23.33 25.29 33.12
C MET C 166 -23.65 24.09 33.95
N ALA C 167 -23.45 22.91 33.38
CA ALA C 167 -23.81 21.71 34.07
C ALA C 167 -22.98 21.59 35.31
N ARG C 168 -21.71 21.91 35.19
CA ARG C 168 -20.82 21.77 36.33
C ARG C 168 -21.29 22.70 37.41
N HIS C 169 -21.66 23.90 37.03
CA HIS C 169 -22.14 24.88 37.98
C HIS C 169 -23.41 24.41 38.66
N ALA C 170 -24.30 23.83 37.89
CA ALA C 170 -25.60 23.41 38.40
C ALA C 170 -25.46 22.34 39.45
N ASP C 171 -24.35 21.61 39.41
CA ASP C 171 -24.10 20.53 40.35
C ASP C 171 -24.05 21.06 41.76
N ASN C 172 -23.52 22.26 41.94
CA ASN C 172 -23.42 22.85 43.26
C ASN C 172 -23.99 24.27 43.29
N CYS C 173 -25.31 24.40 43.27
CA CYS C 173 -25.92 25.72 43.25
C CYS C 173 -27.12 25.88 44.18
N ALA C 174 -27.40 27.14 44.53
CA ALA C 174 -28.56 27.50 45.30
C ALA C 174 -28.91 28.96 45.07
ZN ZN G . 32.06 -27.19 -37.46
ZN ZN H . 8.71 -12.21 -26.35
ZN ZN I . 6.15 0.39 -11.12
ZN ZN J . 11.90 12.77 4.39
ZN ZN K . 32.71 9.12 20.70
ZN ZN L . 48.57 26.87 -4.82
ZN ZN M . -50.58 -23.23 5.53
ZN ZN N . -20.93 -20.68 4.99
ZN ZN O . -7.93 -5.97 7.40
ZN ZN P . -1.16 13.09 12.08
ZN ZN Q . -14.83 35.58 7.86
ZN ZN R . -26.88 27.92 39.50
#